data_7B2F
#
_entry.id   7B2F
#
_cell.length_a   1.000
_cell.length_b   1.000
_cell.length_c   1.000
_cell.angle_alpha   90.00
_cell.angle_beta   90.00
_cell.angle_gamma   90.00
#
_symmetry.space_group_name_H-M   'P 1'
#
_entity_poly.entity_id   1
_entity_poly.type   'polypeptide(L)'
_entity_poly.pdbx_seq_one_letter_code
;MNNNELTSLPLAERKRLLELAKAAKLSRQHY
;
_entity_poly.pdbx_strand_id   A
#
# COMPACT_ATOMS: atom_id res chain seq x y z
N MET A 1 -10.36 -23.11 -10.56
CA MET A 1 -10.33 -21.66 -10.75
C MET A 1 -9.48 -21.01 -9.66
N ASN A 2 -8.80 -19.92 -10.02
CA ASN A 2 -7.95 -19.14 -9.12
C ASN A 2 -8.64 -17.80 -8.86
N ASN A 3 -8.24 -17.07 -7.83
CA ASN A 3 -8.81 -15.77 -7.48
C ASN A 3 -7.80 -14.98 -6.65
N ASN A 4 -7.99 -13.66 -6.58
CA ASN A 4 -7.16 -12.71 -5.83
C ASN A 4 -5.66 -12.99 -5.96
N GLU A 5 -5.18 -13.37 -7.15
CA GLU A 5 -3.76 -13.66 -7.35
C GLU A 5 -2.92 -12.44 -7.03
N LEU A 6 -3.43 -11.23 -7.34
CA LEU A 6 -2.74 -9.97 -7.09
C LEU A 6 -2.53 -9.72 -5.59
N THR A 7 -3.37 -10.28 -4.71
CA THR A 7 -3.24 -10.11 -3.27
C THR A 7 -2.09 -11.00 -2.76
N SER A 8 -1.78 -12.09 -3.47
CA SER A 8 -0.71 -13.00 -3.11
C SER A 8 0.65 -12.34 -3.46
N LEU A 9 0.65 -11.21 -4.18
CA LEU A 9 1.83 -10.44 -4.61
C LEU A 9 2.07 -9.22 -3.68
N PRO A 10 3.31 -8.70 -3.63
CA PRO A 10 3.67 -7.55 -2.81
C PRO A 10 3.36 -6.19 -3.46
N LEU A 11 3.10 -6.16 -4.77
CA LEU A 11 2.80 -4.90 -5.48
C LEU A 11 1.60 -4.19 -4.85
N ALA A 12 0.66 -4.97 -4.31
CA ALA A 12 -0.53 -4.48 -3.65
C ALA A 12 -0.15 -3.60 -2.45
N GLU A 13 0.95 -3.94 -1.75
CA GLU A 13 1.44 -3.19 -0.61
C GLU A 13 2.21 -1.97 -1.12
N ARG A 14 3.02 -2.11 -2.18
CA ARG A 14 3.77 -0.98 -2.74
C ARG A 14 2.77 0.14 -3.11
N LYS A 15 1.59 -0.23 -3.61
CA LYS A 15 0.52 0.70 -3.97
C LYS A 15 0.05 1.40 -2.70
N ARG A 16 -0.23 0.63 -1.65
CA ARG A 16 -0.70 1.16 -0.37
C ARG A 16 0.31 2.08 0.28
N LEU A 17 1.63 1.85 0.18
CA LEU A 17 2.60 2.77 0.79
C LEU A 17 2.36 4.19 0.28
N LEU A 18 2.08 4.34 -1.03
CA LEU A 18 1.81 5.63 -1.65
C LEU A 18 0.46 6.16 -1.15
N GLU A 19 -0.56 5.30 -1.11
CA GLU A 19 -1.90 5.63 -0.67
C GLU A 19 -1.83 6.23 0.75
N LEU A 20 -1.11 5.57 1.66
CA LEU A 20 -0.92 6.01 3.03
C LEU A 20 -0.15 7.32 3.06
N ALA A 21 0.72 7.60 2.09
CA ALA A 21 1.49 8.83 2.02
C ALA A 21 0.55 9.99 1.68
N LYS A 22 -0.35 9.81 0.71
CA LYS A 22 -1.31 10.86 0.34
C LYS A 22 -2.23 11.12 1.54
N ALA A 23 -2.71 10.06 2.19
CA ALA A 23 -3.59 10.16 3.34
C ALA A 23 -2.90 10.90 4.48
N ALA A 24 -1.67 10.48 4.81
CA ALA A 24 -0.85 11.05 5.87
C ALA A 24 -0.38 12.46 5.47
N LYS A 25 -1.24 13.43 5.74
CA LYS A 25 -1.06 14.85 5.47
C LYS A 25 0.25 15.46 6.00
N LEU A 26 0.92 14.82 6.95
CA LEU A 26 2.17 15.30 7.54
C LEU A 26 3.39 14.64 6.89
N SER A 27 3.20 13.51 6.19
CA SER A 27 4.18 12.69 5.49
C SER A 27 5.50 12.53 6.27
N ARG A 28 5.41 12.53 7.61
CA ARG A 28 6.56 12.39 8.48
C ARG A 28 7.08 10.97 8.28
N GLN A 29 8.38 10.82 8.06
CA GLN A 29 8.99 9.51 7.85
C GLN A 29 8.77 8.66 9.11
N HIS A 30 8.81 9.30 10.28
CA HIS A 30 8.58 8.68 11.57
C HIS A 30 7.09 8.42 11.79
N TYR A 31 6.80 7.49 12.70
CA TYR A 31 5.46 7.06 13.07
C TYR A 31 5.34 7.26 14.56
N MET A 1 -9.05 -15.55 -19.56
CA MET A 1 -9.39 -16.91 -19.14
C MET A 1 -8.57 -17.33 -17.93
N ASN A 2 -7.26 -17.04 -17.87
CA ASN A 2 -6.46 -17.41 -16.70
C ASN A 2 -6.93 -16.62 -15.49
N ASN A 3 -6.71 -17.18 -14.30
CA ASN A 3 -7.10 -16.54 -13.05
C ASN A 3 -6.19 -15.33 -12.80
N ASN A 4 -6.68 -14.35 -12.04
CA ASN A 4 -5.95 -13.14 -11.69
C ASN A 4 -6.41 -12.72 -10.29
N GLU A 5 -6.25 -13.62 -9.33
CA GLU A 5 -6.64 -13.41 -7.94
C GLU A 5 -5.65 -12.48 -7.25
N LEU A 6 -5.76 -11.15 -7.46
CA LEU A 6 -4.86 -10.16 -6.85
C LEU A 6 -4.81 -10.33 -5.34
N THR A 7 -5.91 -10.74 -4.71
CA THR A 7 -6.04 -10.94 -3.28
C THR A 7 -5.16 -12.10 -2.78
N SER A 8 -4.85 -13.05 -3.66
CA SER A 8 -4.01 -14.19 -3.34
C SER A 8 -2.54 -13.80 -3.54
N LEU A 9 -2.24 -12.77 -4.33
CA LEU A 9 -0.88 -12.32 -4.59
C LEU A 9 -0.45 -11.37 -3.46
N PRO A 10 0.86 -11.26 -3.18
CA PRO A 10 1.34 -10.39 -2.11
C PRO A 10 1.25 -8.92 -2.50
N LEU A 11 1.10 -8.63 -3.79
CA LEU A 11 0.99 -7.25 -4.30
C LEU A 11 -0.21 -6.53 -3.69
N ALA A 12 -1.27 -7.26 -3.31
CA ALA A 12 -2.44 -6.63 -2.70
C ALA A 12 -2.06 -6.15 -1.29
N GLU A 13 -1.28 -6.94 -0.56
CA GLU A 13 -0.83 -6.60 0.79
C GLU A 13 0.11 -5.41 0.67
N ARG A 14 1.09 -5.50 -0.24
CA ARG A 14 2.07 -4.44 -0.48
C ARG A 14 1.37 -3.13 -0.79
N LYS A 15 0.26 -3.18 -1.55
CA LYS A 15 -0.51 -1.98 -1.87
C LYS A 15 -1.07 -1.41 -0.57
N ARG A 16 -1.66 -2.21 0.32
CA ARG A 16 -2.19 -1.66 1.58
C ARG A 16 -1.06 -1.12 2.42
N LEU A 17 0.08 -1.81 2.51
CA LEU A 17 1.23 -1.35 3.30
C LEU A 17 1.69 0.00 2.76
N LEU A 18 1.70 0.19 1.43
CA LEU A 18 2.09 1.41 0.75
C LEU A 18 1.12 2.53 1.09
N GLU A 19 -0.18 2.27 0.98
CA GLU A 19 -1.23 3.25 1.26
C GLU A 19 -1.15 3.65 2.73
N LEU A 20 -0.93 2.70 3.65
CA LEU A 20 -0.83 2.98 5.07
C LEU A 20 0.39 3.86 5.33
N ALA A 21 1.48 3.68 4.57
CA ALA A 21 2.68 4.47 4.72
C ALA A 21 2.40 5.91 4.25
N LYS A 22 1.51 6.10 3.26
CA LYS A 22 1.12 7.42 2.77
C LYS A 22 0.15 8.07 3.74
N ALA A 23 -0.76 7.27 4.31
CA ALA A 23 -1.77 7.69 5.26
C ALA A 23 -1.14 8.18 6.55
N ALA A 24 -0.08 7.52 7.03
CA ALA A 24 0.62 7.88 8.25
C ALA A 24 1.19 9.30 8.16
N LYS A 25 1.36 9.95 9.30
CA LYS A 25 1.90 11.31 9.39
C LYS A 25 2.95 11.35 10.49
N LEU A 26 4.14 10.86 10.21
CA LEU A 26 5.25 10.84 11.17
C LEU A 26 6.29 11.89 10.80
N SER A 27 6.33 12.34 9.54
CA SER A 27 7.28 13.33 9.11
C SER A 27 6.91 14.70 9.69
N ARG A 28 7.85 15.64 9.62
CA ARG A 28 7.75 17.02 10.06
C ARG A 28 8.06 17.85 8.81
N GLN A 29 7.83 19.15 8.87
CA GLN A 29 8.11 19.98 7.71
C GLN A 29 8.47 21.40 8.14
N HIS A 30 9.12 22.12 7.23
CA HIS A 30 9.52 23.49 7.41
C HIS A 30 8.26 24.37 7.35
N TYR A 31 8.38 25.60 7.84
CA TYR A 31 7.30 26.57 7.85
C TYR A 31 7.43 27.41 6.59
N MET A 1 -13.91 -11.13 -15.99
CA MET A 1 -13.43 -12.45 -16.45
C MET A 1 -12.16 -12.86 -15.73
N ASN A 2 -11.25 -11.94 -15.40
CA ASN A 2 -10.02 -12.28 -14.69
C ASN A 2 -10.37 -12.83 -13.32
N ASN A 3 -9.58 -13.80 -12.86
CA ASN A 3 -9.68 -14.47 -11.57
C ASN A 3 -8.31 -15.05 -11.31
N ASN A 4 -7.69 -14.63 -10.21
CA ASN A 4 -6.36 -15.04 -9.76
C ASN A 4 -6.39 -15.08 -8.22
N GLU A 5 -5.23 -15.06 -7.59
CA GLU A 5 -5.04 -15.07 -6.14
C GLU A 5 -4.02 -13.96 -5.87
N LEU A 6 -4.35 -12.73 -6.31
CA LEU A 6 -3.49 -11.57 -6.16
C LEU A 6 -3.09 -11.32 -4.72
N THR A 7 -3.90 -11.74 -3.74
CA THR A 7 -3.62 -11.55 -2.32
C THR A 7 -2.34 -12.27 -1.91
N SER A 8 -2.05 -13.45 -2.48
CA SER A 8 -0.85 -14.22 -2.16
C SER A 8 0.40 -13.61 -2.82
N LEU A 9 0.24 -12.77 -3.85
CA LEU A 9 1.38 -12.14 -4.49
C LEU A 9 1.83 -11.04 -3.52
N PRO A 10 3.13 -10.89 -3.21
CA PRO A 10 3.63 -9.88 -2.27
C PRO A 10 3.18 -8.45 -2.59
N LEU A 11 2.89 -8.17 -3.86
CA LEU A 11 2.44 -6.86 -4.31
C LEU A 11 1.18 -6.40 -3.57
N ALA A 12 0.35 -7.33 -3.07
CA ALA A 12 -0.86 -6.99 -2.33
C ALA A 12 -0.50 -6.28 -1.01
N GLU A 13 0.55 -6.72 -0.33
CA GLU A 13 0.98 -6.09 0.92
C GLU A 13 1.72 -4.79 0.59
N ARG A 14 2.52 -4.79 -0.47
CA ARG A 14 3.29 -3.61 -0.91
C ARG A 14 2.34 -2.47 -1.28
N LYS A 15 1.27 -2.74 -2.05
CA LYS A 15 0.33 -1.69 -2.42
C LYS A 15 -0.29 -1.12 -1.14
N ARG A 16 -0.65 -1.98 -0.18
CA ARG A 16 -1.23 -1.58 1.09
C ARG A 16 -0.26 -0.69 1.86
N LEU A 17 1.05 -0.97 1.87
CA LEU A 17 2.05 -0.17 2.56
C LEU A 17 2.09 1.25 2.01
N LEU A 18 2.03 1.41 0.68
CA LEU A 18 2.05 2.73 0.06
C LEU A 18 0.77 3.49 0.36
N GLU A 19 -0.39 2.81 0.38
CA GLU A 19 -1.64 3.49 0.71
C GLU A 19 -1.54 3.93 2.17
N LEU A 20 -0.95 3.11 3.04
CA LEU A 20 -0.77 3.42 4.47
C LEU A 20 0.08 4.69 4.60
N ALA A 21 1.07 4.87 3.72
CA ALA A 21 1.92 6.05 3.74
C ALA A 21 1.07 7.30 3.51
N LYS A 22 0.08 7.25 2.61
CA LYS A 22 -0.82 8.37 2.33
C LYS A 22 -1.88 8.49 3.43
N ALA A 23 -2.22 7.40 4.11
CA ALA A 23 -3.19 7.39 5.18
C ALA A 23 -2.63 8.13 6.39
N ALA A 24 -1.37 7.86 6.73
CA ALA A 24 -0.70 8.50 7.84
C ALA A 24 -0.30 9.92 7.41
N LYS A 25 -0.10 10.82 8.39
CA LYS A 25 0.29 12.21 8.16
C LYS A 25 1.53 12.58 8.96
N LEU A 26 2.21 11.60 9.54
CA LEU A 26 3.41 11.77 10.35
C LEU A 26 4.59 12.27 9.52
N SER A 27 4.61 11.95 8.22
CA SER A 27 5.68 12.38 7.32
C SER A 27 5.39 13.80 6.86
N ARG A 28 6.44 14.49 6.39
CA ARG A 28 6.42 15.85 5.87
C ARG A 28 5.89 16.88 6.88
N GLN A 29 5.95 16.59 8.17
CA GLN A 29 5.50 17.50 9.21
C GLN A 29 6.64 18.44 9.59
N HIS A 30 7.77 17.89 10.06
CA HIS A 30 8.91 18.71 10.42
C HIS A 30 9.46 19.38 9.15
N TYR A 31 9.59 20.69 9.19
CA TYR A 31 10.09 21.51 8.09
C TYR A 31 10.77 22.71 8.70
N MET A 1 -13.04 -21.42 -11.99
CA MET A 1 -11.68 -21.09 -12.41
C MET A 1 -11.35 -19.66 -11.97
N ASN A 2 -11.03 -19.46 -10.69
CA ASN A 2 -10.72 -18.14 -10.13
C ASN A 2 -9.42 -18.22 -9.35
N ASN A 3 -8.63 -17.14 -9.35
CA ASN A 3 -7.37 -17.00 -8.63
C ASN A 3 -7.04 -15.50 -8.56
N ASN A 4 -6.11 -15.07 -7.71
CA ASN A 4 -5.76 -13.66 -7.56
C ASN A 4 -4.29 -13.52 -7.19
N GLU A 5 -3.40 -13.36 -8.16
CA GLU A 5 -1.99 -13.19 -7.84
C GLU A 5 -1.75 -11.77 -7.34
N LEU A 6 -2.36 -10.75 -7.98
CA LEU A 6 -2.16 -9.36 -7.58
C LEU A 6 -2.60 -9.13 -6.13
N THR A 7 -3.57 -9.88 -5.61
CA THR A 7 -4.01 -9.72 -4.22
C THR A 7 -3.01 -10.42 -3.28
N SER A 8 -2.30 -11.44 -3.75
CA SER A 8 -1.31 -12.19 -3.00
C SER A 8 0.03 -11.42 -2.99
N LEU A 9 0.27 -10.52 -3.96
CA LEU A 9 1.49 -9.75 -4.02
C LEU A 9 1.44 -8.63 -2.96
N PRO A 10 2.59 -8.21 -2.41
CA PRO A 10 2.64 -7.14 -1.41
C PRO A 10 2.35 -5.78 -2.05
N LEU A 11 2.43 -5.71 -3.38
CA LEU A 11 2.17 -4.49 -4.15
C LEU A 11 0.78 -3.96 -3.82
N ALA A 12 -0.18 -4.83 -3.51
CA ALA A 12 -1.52 -4.41 -3.16
C ALA A 12 -1.50 -3.53 -1.90
N GLU A 13 -0.70 -3.90 -0.91
CA GLU A 13 -0.57 -3.16 0.34
C GLU A 13 0.34 -1.96 0.13
N ARG A 14 1.42 -2.10 -0.64
CA ARG A 14 2.34 -0.99 -0.92
C ARG A 14 1.57 0.16 -1.55
N LYS A 15 0.62 -0.11 -2.43
CA LYS A 15 -0.20 0.91 -3.05
C LYS A 15 -1.10 1.51 -1.97
N ARG A 16 -1.77 0.66 -1.17
CA ARG A 16 -2.65 1.10 -0.10
C ARG A 16 -1.92 2.04 0.85
N LEU A 17 -0.66 1.75 1.18
CA LEU A 17 0.21 2.52 2.05
C LEU A 17 0.56 3.86 1.42
N LEU A 18 0.97 3.86 0.15
CA LEU A 18 1.34 5.09 -0.54
C LEU A 18 0.14 6.04 -0.65
N GLU A 19 -1.04 5.47 -0.87
CA GLU A 19 -2.30 6.20 -0.98
C GLU A 19 -2.70 6.71 0.42
N LEU A 20 -2.43 5.94 1.48
CA LEU A 20 -2.73 6.31 2.87
C LEU A 20 -1.88 7.53 3.22
N ALA A 21 -0.59 7.49 2.88
CA ALA A 21 0.34 8.58 3.11
C ALA A 21 -0.09 9.83 2.31
N LYS A 22 -0.78 9.64 1.18
CA LYS A 22 -1.25 10.75 0.36
C LYS A 22 -2.42 11.45 1.08
N ALA A 23 -3.28 10.68 1.72
CA ALA A 23 -4.44 11.18 2.43
C ALA A 23 -4.07 12.19 3.52
N ALA A 24 -3.07 11.91 4.36
CA ALA A 24 -2.65 12.82 5.41
C ALA A 24 -1.21 12.53 5.81
N LYS A 25 -0.62 13.46 6.56
CA LYS A 25 0.75 13.41 7.09
C LYS A 25 0.68 13.49 8.62
N LEU A 26 -0.28 12.80 9.25
CA LEU A 26 -0.44 12.81 10.70
C LEU A 26 0.78 12.15 11.33
N SER A 27 1.18 10.97 10.84
CA SER A 27 2.34 10.29 11.36
C SER A 27 3.57 10.77 10.61
N ARG A 28 4.74 10.69 11.24
CA ARG A 28 6.01 11.10 10.67
C ARG A 28 7.05 10.02 10.92
N GLN A 29 8.08 10.04 10.09
CA GLN A 29 9.20 9.13 10.11
C GLN A 29 10.34 9.87 9.42
N HIS A 30 10.17 10.20 8.15
CA HIS A 30 11.18 10.93 7.40
C HIS A 30 11.34 12.30 8.06
N TYR A 31 12.56 12.61 8.47
CA TYR A 31 12.97 13.84 9.13
C TYR A 31 12.58 15.04 8.27
N MET A 1 -10.47 -22.28 -11.96
CA MET A 1 -11.12 -21.11 -11.34
C MET A 1 -10.11 -19.99 -11.26
N ASN A 2 -10.56 -18.76 -11.53
CA ASN A 2 -9.71 -17.58 -11.51
C ASN A 2 -9.62 -17.08 -10.08
N ASN A 3 -8.85 -17.80 -9.27
CA ASN A 3 -8.61 -17.45 -7.88
C ASN A 3 -7.77 -16.16 -7.88
N ASN A 4 -7.75 -15.41 -6.77
CA ASN A 4 -6.97 -14.17 -6.68
C ASN A 4 -5.75 -14.44 -5.82
N GLU A 5 -4.67 -13.71 -6.07
CA GLU A 5 -3.41 -13.80 -5.34
C GLU A 5 -2.74 -12.42 -5.22
N LEU A 6 -3.43 -11.36 -5.62
CA LEU A 6 -2.97 -9.98 -5.61
C LEU A 6 -2.39 -9.52 -4.28
N THR A 7 -2.85 -10.07 -3.15
CA THR A 7 -2.35 -9.69 -1.83
C THR A 7 -0.97 -10.32 -1.58
N SER A 8 -0.68 -11.46 -2.19
CA SER A 8 0.61 -12.14 -2.08
C SER A 8 1.58 -11.47 -3.08
N LEU A 9 1.07 -10.80 -4.10
CA LEU A 9 1.86 -10.11 -5.11
C LEU A 9 2.35 -8.78 -4.51
N PRO A 10 3.47 -8.24 -5.03
CA PRO A 10 4.03 -6.99 -4.53
C PRO A 10 3.18 -5.77 -4.89
N LEU A 11 2.37 -5.85 -5.95
CA LEU A 11 1.54 -4.72 -6.37
C LEU A 11 0.64 -4.20 -5.26
N ALA A 12 0.13 -5.09 -4.39
CA ALA A 12 -0.73 -4.66 -3.29
C ALA A 12 0.08 -3.88 -2.25
N GLU A 13 1.28 -4.36 -1.92
CA GLU A 13 2.16 -3.71 -0.94
C GLU A 13 2.52 -2.33 -1.47
N ARG A 14 2.92 -2.28 -2.73
CA ARG A 14 3.30 -1.07 -3.45
C ARG A 14 2.14 -0.08 -3.47
N LYS A 15 0.92 -0.53 -3.79
CA LYS A 15 -0.24 0.36 -3.81
C LYS A 15 -0.48 0.90 -2.39
N ARG A 16 -0.34 0.08 -1.36
CA ARG A 16 -0.53 0.50 0.02
C ARG A 16 0.53 1.51 0.43
N LEU A 17 1.79 1.32 0.04
CA LEU A 17 2.88 2.25 0.35
C LEU A 17 2.52 3.59 -0.31
N LEU A 18 1.99 3.56 -1.54
CA LEU A 18 1.60 4.76 -2.25
C LEU A 18 0.54 5.51 -1.44
N GLU A 19 -0.43 4.80 -0.85
CA GLU A 19 -1.47 5.43 -0.05
C GLU A 19 -0.83 6.13 1.14
N LEU A 20 0.15 5.50 1.81
CA LEU A 20 0.83 6.09 2.96
C LEU A 20 1.47 7.42 2.56
N ALA A 21 2.22 7.45 1.46
CA ALA A 21 2.89 8.65 1.00
C ALA A 21 1.90 9.80 0.75
N LYS A 22 0.74 9.54 0.16
CA LYS A 22 -0.27 10.58 -0.09
C LYS A 22 -1.08 10.88 1.17
N ALA A 23 -1.17 9.95 2.12
CA ALA A 23 -1.90 10.08 3.37
C ALA A 23 -1.16 10.97 4.37
N ALA A 24 0.13 10.69 4.57
CA ALA A 24 0.99 11.42 5.49
C ALA A 24 1.10 12.87 5.01
N LYS A 25 1.13 13.81 5.95
CA LYS A 25 1.26 15.23 5.65
C LYS A 25 1.94 15.96 6.79
N LEU A 26 1.61 15.60 8.04
CA LEU A 26 2.19 16.23 9.23
C LEU A 26 3.60 15.71 9.50
N SER A 27 3.89 14.45 9.17
CA SER A 27 5.19 13.80 9.37
C SER A 27 5.60 13.73 10.86
N ARG A 28 4.76 14.16 11.80
CA ARG A 28 5.06 14.16 13.24
C ARG A 28 5.48 12.79 13.77
N GLN A 29 4.94 11.71 13.21
CA GLN A 29 5.26 10.36 13.61
C GLN A 29 5.59 9.53 12.37
N HIS A 30 6.35 10.10 11.43
CA HIS A 30 6.76 9.37 10.24
C HIS A 30 7.58 8.15 10.66
N TYR A 31 7.50 7.07 9.88
CA TYR A 31 8.25 5.86 10.19
C TYR A 31 9.73 6.13 10.00
N MET A 1 -10.07 -21.50 -8.60
CA MET A 1 -9.75 -20.15 -9.11
C MET A 1 -8.32 -20.15 -9.66
N ASN A 2 -7.90 -19.05 -10.30
CA ASN A 2 -6.55 -18.90 -10.84
C ASN A 2 -6.12 -17.42 -10.91
N ASN A 3 -6.81 -16.52 -10.20
CA ASN A 3 -6.49 -15.09 -10.18
C ASN A 3 -5.33 -14.84 -9.21
N ASN A 4 -4.54 -13.80 -9.48
CA ASN A 4 -3.41 -13.44 -8.62
C ASN A 4 -4.01 -12.75 -7.40
N GLU A 5 -3.64 -13.18 -6.21
CA GLU A 5 -4.13 -12.60 -4.97
C GLU A 5 -3.25 -11.37 -4.69
N LEU A 6 -3.47 -10.30 -5.45
CA LEU A 6 -2.73 -9.04 -5.38
C LEU A 6 -2.45 -8.51 -3.98
N THR A 7 -3.38 -8.71 -3.03
CA THR A 7 -3.27 -8.28 -1.65
C THR A 7 -2.15 -9.01 -0.90
N SER A 8 -1.81 -10.23 -1.29
CA SER A 8 -0.75 -11.00 -0.65
C SER A 8 0.61 -10.46 -1.11
N LEU A 9 0.69 -9.77 -2.25
CA LEU A 9 1.94 -9.25 -2.75
C LEU A 9 2.20 -7.90 -2.07
N PRO A 10 3.48 -7.53 -1.81
CA PRO A 10 3.82 -6.27 -1.18
C PRO A 10 3.39 -5.03 -1.97
N LEU A 11 3.10 -5.22 -3.26
CA LEU A 11 2.65 -4.17 -4.17
C LEU A 11 1.37 -3.54 -3.62
N ALA A 12 0.51 -4.33 -2.97
CA ALA A 12 -0.73 -3.82 -2.40
C ALA A 12 -0.40 -2.83 -1.28
N GLU A 13 0.63 -3.15 -0.47
CA GLU A 13 1.08 -2.32 0.63
C GLU A 13 1.66 -1.04 0.06
N ARG A 14 2.46 -1.16 -1.02
CA ARG A 14 3.07 -0.02 -1.70
C ARG A 14 2.00 0.94 -2.17
N LYS A 15 0.90 0.44 -2.76
CA LYS A 15 -0.16 1.33 -3.19
C LYS A 15 -0.87 1.91 -1.98
N ARG A 16 -1.15 1.09 -0.95
CA ARG A 16 -1.84 1.55 0.26
C ARG A 16 -1.13 2.73 0.90
N LEU A 17 0.18 2.61 1.17
CA LEU A 17 0.94 3.68 1.79
C LEU A 17 1.05 4.90 0.89
N LEU A 18 1.14 4.72 -0.43
CA LEU A 18 1.24 5.85 -1.35
C LEU A 18 -0.06 6.64 -1.37
N GLU A 19 -1.20 5.97 -1.53
CA GLU A 19 -2.50 6.61 -1.58
C GLU A 19 -2.81 7.33 -0.27
N LEU A 20 -2.44 6.72 0.86
CA LEU A 20 -2.64 7.29 2.18
C LEU A 20 -1.83 8.58 2.29
N ALA A 21 -0.61 8.60 1.75
CA ALA A 21 0.26 9.78 1.76
C ALA A 21 -0.39 10.96 1.00
N LYS A 22 -1.19 10.67 -0.04
CA LYS A 22 -1.91 11.69 -0.80
C LYS A 22 -3.17 12.09 -0.02
N ALA A 23 -3.92 11.10 0.50
CA ALA A 23 -5.16 11.28 1.23
C ALA A 23 -5.01 12.22 2.42
N ALA A 24 -3.99 12.01 3.24
CA ALA A 24 -3.67 12.77 4.43
C ALA A 24 -2.15 12.87 4.53
N LYS A 25 -1.60 13.50 5.57
CA LYS A 25 -0.15 13.63 5.79
C LYS A 25 0.24 13.19 7.19
N LEU A 26 -0.55 12.31 7.81
CA LEU A 26 -0.31 11.79 9.15
C LEU A 26 0.79 10.71 9.10
N SER A 27 1.00 10.08 7.94
CA SER A 27 2.03 9.07 7.77
C SER A 27 3.37 9.77 7.60
N ARG A 28 4.47 9.05 7.82
CA ARG A 28 5.83 9.59 7.72
C ARG A 28 6.75 8.53 7.12
N GLN A 29 7.88 8.98 6.58
CA GLN A 29 8.86 8.09 5.98
C GLN A 29 9.57 7.27 7.07
N HIS A 30 10.33 6.28 6.63
CA HIS A 30 11.09 5.43 7.53
C HIS A 30 12.35 6.19 7.91
N TYR A 31 12.99 5.73 8.98
CA TYR A 31 14.20 6.29 9.55
C TYR A 31 15.01 5.15 10.11
N MET A 1 -12.56 -15.87 -12.45
CA MET A 1 -13.14 -14.56 -12.12
C MET A 1 -12.45 -13.96 -10.89
N ASN A 2 -12.51 -14.62 -9.73
CA ASN A 2 -11.94 -14.20 -8.45
C ASN A 2 -10.41 -14.29 -8.47
N ASN A 3 -9.78 -13.47 -9.32
CA ASN A 3 -8.34 -13.38 -9.51
C ASN A 3 -7.66 -13.03 -8.18
N ASN A 4 -6.49 -13.59 -7.90
CA ASN A 4 -5.77 -13.31 -6.65
C ASN A 4 -4.24 -13.37 -6.77
N GLU A 5 -3.70 -13.59 -7.96
CA GLU A 5 -2.26 -13.69 -8.21
C GLU A 5 -1.46 -12.52 -7.62
N LEU A 6 -1.86 -11.29 -7.93
CA LEU A 6 -1.20 -10.06 -7.47
C LEU A 6 -1.30 -9.90 -5.96
N THR A 7 -2.43 -10.29 -5.35
CA THR A 7 -2.63 -10.21 -3.91
C THR A 7 -1.71 -11.17 -3.15
N SER A 8 -1.35 -12.29 -3.80
CA SER A 8 -0.48 -13.29 -3.24
C SER A 8 0.99 -12.88 -3.43
N LEU A 9 1.28 -11.99 -4.39
CA LEU A 9 2.63 -11.49 -4.65
C LEU A 9 2.89 -10.35 -3.67
N PRO A 10 4.15 -10.05 -3.33
CA PRO A 10 4.48 -8.97 -2.40
C PRO A 10 4.09 -7.58 -2.89
N LEU A 11 3.86 -7.46 -4.20
CA LEU A 11 3.48 -6.22 -4.88
C LEU A 11 2.25 -5.58 -4.26
N ALA A 12 1.30 -6.39 -3.79
CA ALA A 12 0.08 -5.86 -3.19
C ALA A 12 0.41 -5.16 -1.87
N GLU A 13 1.22 -5.77 -1.02
CA GLU A 13 1.60 -5.16 0.25
C GLU A 13 2.43 -3.92 -0.08
N ARG A 14 3.34 -4.00 -1.05
CA ARG A 14 4.18 -2.87 -1.47
C ARG A 14 3.36 -1.66 -1.88
N LYS A 15 2.38 -1.82 -2.77
CA LYS A 15 1.55 -0.73 -3.20
C LYS A 15 0.74 -0.26 -1.99
N ARG A 16 0.10 -1.15 -1.24
CA ARG A 16 -0.68 -0.77 -0.05
C ARG A 16 0.18 -0.01 0.96
N LEU A 17 1.46 -0.35 1.11
CA LEU A 17 2.38 0.31 2.01
C LEU A 17 2.52 1.79 1.64
N LEU A 18 2.27 2.18 0.38
CA LEU A 18 2.33 3.56 -0.06
C LEU A 18 1.19 4.32 0.61
N GLU A 19 -0.01 3.73 0.64
CA GLU A 19 -1.17 4.34 1.29
C GLU A 19 -0.88 4.40 2.79
N LEU A 20 -0.26 3.36 3.34
CA LEU A 20 0.11 3.27 4.75
C LEU A 20 1.09 4.41 5.08
N ALA A 21 2.08 4.65 4.22
CA ALA A 21 3.07 5.70 4.39
C ALA A 21 2.41 7.08 4.51
N LYS A 22 1.32 7.32 3.78
CA LYS A 22 0.59 8.59 3.83
C LYS A 22 -0.24 8.69 5.11
N ALA A 23 -0.78 7.56 5.55
CA ALA A 23 -1.57 7.47 6.77
C ALA A 23 -0.67 7.66 8.01
N ALA A 24 0.58 7.23 7.91
CA ALA A 24 1.58 7.34 8.96
C ALA A 24 1.97 8.81 9.08
N LYS A 25 2.07 9.35 10.30
CA LYS A 25 2.47 10.75 10.44
C LYS A 25 3.96 10.92 10.20
N LEU A 26 4.74 9.83 10.15
CA LEU A 26 6.19 9.85 9.92
C LEU A 26 6.55 10.52 8.60
N SER A 27 5.65 10.53 7.60
CA SER A 27 5.93 11.16 6.33
C SER A 27 6.11 12.67 6.46
N ARG A 28 5.45 13.33 7.44
CA ARG A 28 5.49 14.78 7.67
C ARG A 28 5.27 15.50 6.33
N GLN A 29 4.46 14.94 5.44
CA GLN A 29 4.19 15.51 4.14
C GLN A 29 3.17 16.63 4.23
N HIS A 30 3.12 17.43 3.17
CA HIS A 30 2.23 18.56 2.99
C HIS A 30 0.77 18.16 3.14
N TYR A 31 -0.05 19.12 3.54
CA TYR A 31 -1.48 18.97 3.70
C TYR A 31 -2.08 20.17 3.01
N MET A 1 -11.81 -21.89 -13.05
CA MET A 1 -11.80 -21.49 -11.64
C MET A 1 -10.48 -20.80 -11.38
N ASN A 2 -10.49 -19.49 -11.15
CA ASN A 2 -9.28 -18.74 -10.90
C ASN A 2 -9.52 -17.75 -9.79
N ASN A 3 -8.76 -17.89 -8.72
CA ASN A 3 -8.84 -17.01 -7.57
C ASN A 3 -8.23 -15.64 -7.90
N ASN A 4 -8.26 -14.73 -6.93
CA ASN A 4 -7.71 -13.38 -7.08
C ASN A 4 -6.67 -13.18 -5.99
N GLU A 5 -5.57 -13.91 -6.13
CA GLU A 5 -4.39 -13.92 -5.25
C GLU A 5 -3.62 -12.59 -5.31
N LEU A 6 -4.27 -11.48 -5.70
CA LEU A 6 -3.72 -10.14 -5.83
C LEU A 6 -2.87 -9.70 -4.64
N THR A 7 -3.21 -10.18 -3.44
CA THR A 7 -2.54 -9.90 -2.20
C THR A 7 -1.10 -10.43 -2.18
N SER A 8 -0.84 -11.53 -2.89
CA SER A 8 0.48 -12.14 -2.95
C SER A 8 1.36 -11.38 -3.95
N LEU A 9 0.75 -10.65 -4.90
CA LEU A 9 1.51 -9.91 -5.90
C LEU A 9 2.08 -8.64 -5.24
N PRO A 10 3.23 -8.16 -5.70
CA PRO A 10 3.88 -6.97 -5.15
C PRO A 10 3.10 -5.67 -5.36
N LEU A 11 2.26 -5.63 -6.39
CA LEU A 11 1.46 -4.44 -6.72
C LEU A 11 0.56 -4.06 -5.55
N ALA A 12 0.09 -5.05 -4.77
CA ALA A 12 -0.77 -4.80 -3.62
C ALA A 12 -0.04 -3.91 -2.62
N GLU A 13 1.27 -4.13 -2.46
CA GLU A 13 2.08 -3.35 -1.54
C GLU A 13 2.39 -1.98 -2.12
N ARG A 14 2.70 -1.90 -3.42
CA ARG A 14 2.96 -0.63 -4.09
C ARG A 14 1.76 0.29 -3.87
N LYS A 15 0.55 -0.25 -3.98
CA LYS A 15 -0.68 0.51 -3.77
C LYS A 15 -0.82 0.86 -2.28
N ARG A 16 -0.47 -0.05 -1.35
CA ARG A 16 -0.57 0.22 0.09
C ARG A 16 0.28 1.45 0.45
N LEU A 17 1.55 1.45 0.06
CA LEU A 17 2.48 2.54 0.35
C LEU A 17 2.17 3.80 -0.43
N LEU A 18 1.54 3.71 -1.61
CA LEU A 18 1.19 4.87 -2.42
C LEU A 18 0.17 5.70 -1.64
N GLU A 19 -0.86 5.04 -1.11
CA GLU A 19 -1.93 5.68 -0.36
C GLU A 19 -1.40 6.27 0.94
N LEU A 20 -0.59 5.53 1.71
CA LEU A 20 -0.08 6.06 2.97
C LEU A 20 0.73 7.32 2.74
N ALA A 21 1.57 7.32 1.70
CA ALA A 21 2.37 8.48 1.35
C ALA A 21 1.44 9.60 0.90
N LYS A 22 0.41 9.31 0.10
CA LYS A 22 -0.53 10.32 -0.38
C LYS A 22 -1.26 10.96 0.80
N ALA A 23 -1.72 10.16 1.76
CA ALA A 23 -2.43 10.61 2.94
C ALA A 23 -1.51 11.47 3.79
N ALA A 24 -0.26 11.05 4.00
CA ALA A 24 0.73 11.78 4.79
C ALA A 24 1.04 13.13 4.16
N LYS A 25 1.23 14.16 5.00
CA LYS A 25 1.55 15.52 4.57
C LYS A 25 2.67 16.11 5.41
N LEU A 26 2.74 15.74 6.70
CA LEU A 26 3.74 16.21 7.66
C LEU A 26 4.68 15.09 8.11
N SER A 27 4.24 13.84 8.06
CA SER A 27 4.98 12.65 8.49
C SER A 27 5.60 12.75 9.89
N ARG A 28 4.98 13.51 10.80
CA ARG A 28 5.47 13.71 12.16
C ARG A 28 5.18 12.54 13.11
N GLN A 29 5.14 11.30 12.61
CA GLN A 29 4.88 10.12 13.44
C GLN A 29 6.12 9.80 14.29
N HIS A 30 5.94 8.98 15.32
CA HIS A 30 7.04 8.57 16.20
C HIS A 30 7.82 7.48 15.47
N TYR A 31 9.06 7.25 15.88
CA TYR A 31 9.95 6.28 15.27
C TYR A 31 9.96 4.93 15.97
N MET A 1 -10.31 -7.16 -12.29
CA MET A 1 -9.99 -8.40 -11.57
C MET A 1 -9.26 -8.08 -10.27
N ASN A 2 -9.67 -8.69 -9.16
CA ASN A 2 -9.05 -8.47 -7.84
C ASN A 2 -8.73 -9.83 -7.24
N ASN A 3 -7.96 -9.82 -6.15
CA ASN A 3 -7.52 -10.99 -5.39
C ASN A 3 -6.91 -12.06 -6.31
N ASN A 4 -6.15 -11.66 -7.33
CA ASN A 4 -5.52 -12.56 -8.30
C ASN A 4 -4.14 -12.97 -7.77
N GLU A 5 -4.08 -13.63 -6.62
CA GLU A 5 -2.85 -14.09 -5.95
C GLU A 5 -1.98 -12.91 -5.49
N LEU A 6 -2.53 -11.70 -5.63
CA LEU A 6 -1.95 -10.41 -5.33
C LEU A 6 -1.42 -10.32 -3.90
N THR A 7 -2.09 -10.91 -2.91
CA THR A 7 -1.65 -10.86 -1.53
C THR A 7 -0.37 -11.70 -1.31
N SER A 8 -0.06 -12.65 -2.19
CA SER A 8 1.14 -13.47 -2.07
C SER A 8 2.37 -12.65 -2.52
N LEU A 9 2.15 -11.54 -3.23
CA LEU A 9 3.17 -10.66 -3.76
C LEU A 9 3.36 -9.46 -2.81
N PRO A 10 4.56 -8.88 -2.71
CA PRO A 10 4.82 -7.74 -1.85
C PRO A 10 4.20 -6.44 -2.40
N LEU A 11 3.87 -6.44 -3.69
CA LEU A 11 3.26 -5.30 -4.37
C LEU A 11 1.96 -4.92 -3.69
N ALA A 12 1.22 -5.88 -3.13
CA ALA A 12 -0.04 -5.60 -2.44
C ALA A 12 0.20 -4.75 -1.20
N GLU A 13 1.27 -5.05 -0.44
CA GLU A 13 1.61 -4.31 0.75
C GLU A 13 1.99 -2.90 0.33
N ARG A 14 2.84 -2.78 -0.70
CA ARG A 14 3.28 -1.50 -1.23
C ARG A 14 2.06 -0.68 -1.63
N LYS A 15 1.10 -1.28 -2.35
CA LYS A 15 -0.11 -0.56 -2.76
C LYS A 15 -0.86 -0.08 -1.52
N ARG A 16 -1.10 -0.93 -0.53
CA ARG A 16 -1.83 -0.55 0.68
C ARG A 16 -1.11 0.59 1.41
N LEU A 17 0.21 0.51 1.57
CA LEU A 17 1.01 1.53 2.25
C LEU A 17 1.04 2.83 1.43
N LEU A 18 0.89 2.75 0.11
CA LEU A 18 0.87 3.92 -0.77
C LEU A 18 -0.47 4.62 -0.54
N GLU A 19 -1.57 3.86 -0.57
CA GLU A 19 -2.90 4.41 -0.35
C GLU A 19 -2.96 5.07 1.02
N LEU A 20 -2.36 4.44 2.03
CA LEU A 20 -2.31 4.95 3.40
C LEU A 20 -1.66 6.34 3.40
N ALA A 21 -0.49 6.46 2.75
CA ALA A 21 0.25 7.71 2.66
C ALA A 21 -0.57 8.77 1.92
N LYS A 22 -1.22 8.42 0.80
CA LYS A 22 -2.01 9.37 0.04
C LYS A 22 -3.26 9.81 0.82
N ALA A 23 -3.86 8.91 1.62
CA ALA A 23 -5.05 9.19 2.43
C ALA A 23 -4.67 10.12 3.57
N ALA A 24 -3.43 10.02 4.07
CA ALA A 24 -2.92 10.85 5.14
C ALA A 24 -2.71 12.26 4.57
N LYS A 25 -2.41 13.21 5.45
CA LYS A 25 -2.16 14.60 5.07
C LYS A 25 -0.99 15.16 5.86
N LEU A 26 -0.98 14.94 7.18
CA LEU A 26 0.07 15.43 8.06
C LEU A 26 0.89 14.30 8.65
N SER A 27 0.25 13.24 9.15
CA SER A 27 0.94 12.11 9.75
C SER A 27 1.68 11.35 8.65
N ARG A 28 2.98 11.13 8.82
CA ARG A 28 3.81 10.42 7.84
C ARG A 28 5.00 9.76 8.51
N GLN A 29 5.16 8.45 8.32
CA GLN A 29 6.28 7.71 8.89
C GLN A 29 7.61 8.21 8.32
N HIS A 30 8.72 7.79 8.91
CA HIS A 30 10.05 8.16 8.43
C HIS A 30 10.48 7.08 7.42
N TYR A 31 11.48 7.38 6.60
CA TYR A 31 12.03 6.51 5.58
C TYR A 31 13.53 6.79 5.55
N MET A 1 -8.58 -16.44 -8.92
CA MET A 1 -9.48 -16.99 -9.94
C MET A 1 -9.30 -16.20 -11.21
N ASN A 2 -9.16 -16.87 -12.36
CA ASN A 2 -8.96 -16.25 -13.68
C ASN A 2 -7.77 -15.28 -13.57
N ASN A 3 -6.68 -15.77 -12.95
CA ASN A 3 -5.41 -15.10 -12.67
C ASN A 3 -5.54 -13.98 -11.63
N ASN A 4 -6.76 -13.55 -11.28
CA ASN A 4 -7.00 -12.51 -10.29
C ASN A 4 -6.78 -13.09 -8.90
N GLU A 5 -5.61 -12.84 -8.31
CA GLU A 5 -5.20 -13.31 -6.97
C GLU A 5 -4.22 -12.33 -6.32
N LEU A 6 -4.20 -11.07 -6.79
CA LEU A 6 -3.35 -9.95 -6.37
C LEU A 6 -3.16 -9.84 -4.86
N THR A 7 -4.18 -10.14 -4.05
CA THR A 7 -4.12 -10.09 -2.59
C THR A 7 -3.00 -10.98 -2.00
N SER A 8 -2.52 -11.97 -2.75
CA SER A 8 -1.44 -12.89 -2.34
C SER A 8 -0.04 -12.33 -2.72
N LEU A 9 0.03 -11.23 -3.47
CA LEU A 9 1.26 -10.58 -3.92
C LEU A 9 1.63 -9.41 -3.00
N PRO A 10 2.92 -9.00 -2.93
CA PRO A 10 3.34 -7.88 -2.11
C PRO A 10 2.85 -6.55 -2.68
N LEU A 11 2.57 -6.51 -4.00
CA LEU A 11 2.09 -5.32 -4.68
C LEU A 11 0.82 -4.80 -4.02
N ALA A 12 -0.02 -5.70 -3.48
CA ALA A 12 -1.26 -5.32 -2.81
C ALA A 12 -0.94 -4.53 -1.54
N GLU A 13 -0.01 -5.01 -0.73
CA GLU A 13 0.38 -4.36 0.52
C GLU A 13 1.09 -3.03 0.23
N ARG A 14 1.90 -3.01 -0.84
CA ARG A 14 2.60 -1.81 -1.30
C ARG A 14 1.57 -0.76 -1.70
N LYS A 15 0.55 -1.17 -2.45
CA LYS A 15 -0.52 -0.29 -2.91
C LYS A 15 -1.34 0.22 -1.72
N ARG A 16 -1.66 -0.68 -0.77
CA ARG A 16 -2.43 -0.37 0.43
C ARG A 16 -1.80 0.79 1.20
N LEU A 17 -0.50 0.72 1.52
CA LEU A 17 0.15 1.79 2.27
C LEU A 17 0.29 3.09 1.47
N LEU A 18 0.36 3.01 0.14
CA LEU A 18 0.50 4.18 -0.74
C LEU A 18 -0.78 5.03 -0.64
N GLU A 19 -1.96 4.40 -0.64
CA GLU A 19 -3.23 5.12 -0.53
C GLU A 19 -3.22 5.93 0.77
N LEU A 20 -2.85 5.30 1.88
CA LEU A 20 -2.79 5.98 3.17
C LEU A 20 -1.76 7.11 3.12
N ALA A 21 -0.63 6.89 2.44
CA ALA A 21 0.42 7.87 2.31
C ALA A 21 -0.10 9.15 1.65
N LYS A 22 -0.95 9.03 0.62
CA LYS A 22 -1.50 10.22 -0.04
C LYS A 22 -2.55 10.88 0.85
N ALA A 23 -3.25 10.11 1.67
CA ALA A 23 -4.27 10.64 2.57
C ALA A 23 -3.66 11.42 3.73
N ALA A 24 -2.58 10.91 4.35
CA ALA A 24 -1.96 11.59 5.49
C ALA A 24 -0.46 11.33 5.63
N LYS A 25 0.17 12.12 6.49
CA LYS A 25 1.59 12.09 6.84
C LYS A 25 2.50 12.26 5.62
N LEU A 26 2.01 12.93 4.58
CA LEU A 26 2.71 13.22 3.33
C LEU A 26 4.10 13.77 3.63
N SER A 27 4.21 14.72 4.56
CA SER A 27 5.49 15.29 4.94
C SER A 27 6.07 14.32 5.96
N ARG A 28 6.86 13.34 5.50
CA ARG A 28 7.47 12.34 6.36
C ARG A 28 8.63 12.95 7.16
N GLN A 29 8.33 13.79 8.13
CA GLN A 29 9.32 14.45 8.97
C GLN A 29 9.41 13.79 10.35
N HIS A 30 10.48 14.09 11.09
CA HIS A 30 10.74 13.57 12.43
C HIS A 30 9.86 14.27 13.47
N TYR A 31 9.77 13.69 14.66
CA TYR A 31 9.01 14.21 15.80
C TYR A 31 9.82 13.89 17.04
N MET A 1 -4.60 -19.88 -16.69
CA MET A 1 -4.48 -18.98 -15.52
C MET A 1 -5.08 -17.63 -15.87
N ASN A 2 -6.19 -17.26 -15.21
CA ASN A 2 -6.90 -16.00 -15.38
C ASN A 2 -7.26 -15.37 -14.04
N ASN A 3 -7.38 -16.15 -12.96
CA ASN A 3 -7.70 -15.58 -11.65
C ASN A 3 -6.41 -15.22 -10.93
N ASN A 4 -6.45 -14.20 -10.07
CA ASN A 4 -5.32 -13.73 -9.29
C ASN A 4 -5.85 -12.92 -8.12
N GLU A 5 -5.62 -13.39 -6.90
CA GLU A 5 -6.06 -12.73 -5.67
C GLU A 5 -4.90 -11.88 -5.18
N LEU A 6 -4.69 -10.70 -5.79
CA LEU A 6 -3.60 -9.81 -5.41
C LEU A 6 -3.66 -9.34 -3.96
N THR A 7 -4.83 -9.38 -3.31
CA THR A 7 -4.94 -9.00 -1.91
C THR A 7 -4.11 -9.96 -1.05
N SER A 8 -3.87 -11.18 -1.50
CA SER A 8 -3.07 -12.17 -0.78
C SER A 8 -1.57 -11.82 -0.91
N LEU A 9 -1.19 -11.04 -1.94
CA LEU A 9 0.17 -10.65 -2.22
C LEU A 9 0.59 -9.45 -1.38
N PRO A 10 1.90 -9.26 -1.13
CA PRO A 10 2.40 -8.14 -0.34
C PRO A 10 2.22 -6.78 -1.01
N LEU A 11 2.15 -6.76 -2.35
CA LEU A 11 1.96 -5.55 -3.13
C LEU A 11 0.76 -4.74 -2.62
N ALA A 12 -0.29 -5.43 -2.21
CA ALA A 12 -1.51 -4.82 -1.72
C ALA A 12 -1.24 -3.94 -0.49
N GLU A 13 -0.35 -4.38 0.42
CA GLU A 13 -0.03 -3.59 1.60
C GLU A 13 0.85 -2.41 1.17
N ARG A 14 1.87 -2.65 0.34
CA ARG A 14 2.77 -1.61 -0.14
C ARG A 14 1.96 -0.48 -0.76
N LYS A 15 0.95 -0.81 -1.56
CA LYS A 15 0.09 0.17 -2.21
C LYS A 15 -0.60 1.01 -1.14
N ARG A 16 -1.20 0.37 -0.13
CA ARG A 16 -1.89 1.11 0.93
C ARG A 16 -0.88 2.02 1.64
N LEU A 17 0.29 1.50 1.97
CA LEU A 17 1.35 2.24 2.67
C LEU A 17 1.74 3.50 1.90
N LEU A 18 1.90 3.43 0.56
CA LEU A 18 2.28 4.60 -0.23
C LEU A 18 1.24 5.71 -0.10
N GLU A 19 -0.03 5.34 -0.19
CA GLU A 19 -1.15 6.25 -0.08
C GLU A 19 -1.24 6.81 1.35
N LEU A 20 -1.05 5.95 2.36
CA LEU A 20 -1.08 6.30 3.78
C LEU A 20 0.02 7.30 4.08
N ALA A 21 1.21 7.11 3.49
CA ALA A 21 2.37 7.97 3.69
C ALA A 21 2.05 9.42 3.34
N LYS A 22 1.35 9.66 2.22
CA LYS A 22 0.98 11.03 1.84
C LYS A 22 -0.24 11.52 2.63
N ALA A 23 -1.21 10.63 2.88
CA ALA A 23 -2.44 10.96 3.59
C ALA A 23 -2.18 11.46 5.00
N ALA A 24 -1.37 10.75 5.79
CA ALA A 24 -1.06 11.18 7.14
C ALA A 24 0.03 12.23 7.10
N LYS A 25 -0.01 13.15 8.09
CA LYS A 25 0.93 14.27 8.16
C LYS A 25 1.91 14.12 9.31
N LEU A 26 1.43 14.08 10.55
CA LEU A 26 2.27 13.99 11.74
C LEU A 26 3.17 12.74 11.70
N SER A 27 2.75 11.68 10.97
CA SER A 27 3.48 10.43 10.81
C SER A 27 3.99 10.25 9.39
N ARG A 28 4.33 11.34 8.67
CA ARG A 28 4.83 11.34 7.29
C ARG A 28 5.82 10.21 7.05
N GLN A 29 6.68 9.90 8.04
CA GLN A 29 7.70 8.85 8.01
C GLN A 29 8.44 8.89 6.67
N HIS A 30 9.02 10.04 6.37
CA HIS A 30 9.73 10.21 5.12
C HIS A 30 11.13 9.60 5.23
N TYR A 31 11.72 9.33 4.06
CA TYR A 31 13.06 8.77 3.99
C TYR A 31 14.01 9.93 4.20
N MET A 1 -8.89 -17.11 -14.43
CA MET A 1 -9.50 -16.49 -13.24
C MET A 1 -8.74 -16.91 -12.00
N ASN A 2 -8.83 -16.07 -10.96
CA ASN A 2 -8.23 -16.25 -9.64
C ASN A 2 -6.74 -16.59 -9.71
N ASN A 3 -6.02 -16.04 -10.70
CA ASN A 3 -4.58 -16.26 -10.88
C ASN A 3 -3.81 -15.16 -10.15
N ASN A 4 -4.25 -13.91 -10.35
CA ASN A 4 -3.63 -12.72 -9.80
C ASN A 4 -4.23 -12.41 -8.43
N GLU A 5 -3.76 -13.10 -7.41
CA GLU A 5 -4.21 -12.96 -6.03
C GLU A 5 -3.35 -11.86 -5.36
N LEU A 6 -3.42 -10.65 -5.93
CA LEU A 6 -2.65 -9.48 -5.51
C LEU A 6 -2.72 -9.15 -4.02
N THR A 7 -3.79 -9.52 -3.31
CA THR A 7 -3.92 -9.21 -1.88
C THR A 7 -2.95 -10.06 -1.04
N SER A 8 -2.46 -11.18 -1.56
CA SER A 8 -1.53 -12.04 -0.83
C SER A 8 -0.13 -11.42 -0.81
N LEU A 9 0.16 -10.51 -1.74
CA LEU A 9 1.44 -9.84 -1.88
C LEU A 9 1.54 -8.58 -1.02
N PRO A 10 2.75 -8.14 -0.63
CA PRO A 10 2.94 -6.94 0.19
C PRO A 10 2.63 -5.65 -0.57
N LEU A 11 2.76 -5.66 -1.91
CA LEU A 11 2.50 -4.47 -2.72
C LEU A 11 1.07 -3.94 -2.49
N ALA A 12 0.12 -4.79 -2.13
CA ALA A 12 -1.26 -4.40 -1.87
C ALA A 12 -1.32 -3.44 -0.68
N GLU A 13 -0.56 -3.73 0.37
CA GLU A 13 -0.51 -2.91 1.58
C GLU A 13 0.26 -1.63 1.30
N ARG A 14 1.40 -1.75 0.61
CA ARG A 14 2.26 -0.62 0.26
C ARG A 14 1.49 0.36 -0.61
N LYS A 15 0.67 -0.11 -1.56
CA LYS A 15 -0.14 0.77 -2.40
C LYS A 15 -1.15 1.44 -1.48
N ARG A 16 -1.86 0.70 -0.62
CA ARG A 16 -2.83 1.27 0.31
C ARG A 16 -2.20 2.35 1.20
N LEU A 17 -0.97 2.16 1.64
CA LEU A 17 -0.26 3.12 2.49
C LEU A 17 -0.03 4.41 1.71
N LEU A 18 0.28 4.32 0.41
CA LEU A 18 0.49 5.49 -0.44
C LEU A 18 -0.82 6.22 -0.65
N GLU A 19 -1.92 5.48 -0.92
CA GLU A 19 -3.24 6.07 -1.10
C GLU A 19 -3.65 6.80 0.18
N LEU A 20 -3.36 6.21 1.35
CA LEU A 20 -3.65 6.80 2.64
C LEU A 20 -2.87 8.10 2.73
N ALA A 21 -1.57 8.08 2.40
CA ALA A 21 -0.69 9.24 2.41
C ALA A 21 -1.22 10.35 1.49
N LYS A 22 -1.96 10.04 0.43
CA LYS A 22 -2.53 11.04 -0.45
C LYS A 22 -3.73 11.66 0.25
N ALA A 23 -4.59 10.83 0.87
CA ALA A 23 -5.79 11.28 1.57
C ALA A 23 -5.42 12.22 2.73
N ALA A 24 -4.46 11.86 3.57
CA ALA A 24 -4.04 12.68 4.70
C ALA A 24 -2.63 12.29 5.14
N LYS A 25 -2.07 13.11 6.04
CA LYS A 25 -0.73 12.98 6.63
C LYS A 25 0.28 12.50 5.60
N LEU A 26 0.42 13.30 4.55
CA LEU A 26 1.32 13.04 3.43
C LEU A 26 2.76 12.90 3.89
N SER A 27 3.20 13.70 4.86
CA SER A 27 4.56 13.66 5.38
C SER A 27 4.72 12.46 6.33
N ARG A 28 5.95 11.95 6.46
CA ARG A 28 6.29 10.81 7.33
C ARG A 28 7.68 11.01 7.91
N GLN A 29 8.66 11.33 7.05
CA GLN A 29 10.04 11.57 7.46
C GLN A 29 10.57 10.38 8.29
N HIS A 30 10.26 9.16 7.85
CA HIS A 30 10.71 7.97 8.55
C HIS A 30 12.24 7.89 8.48
N TYR A 31 12.83 7.09 9.34
CA TYR A 31 14.26 6.88 9.43
C TYR A 31 14.43 5.46 9.90
N MET A 1 -3.24 -15.42 -12.85
CA MET A 1 -2.18 -14.42 -13.09
C MET A 1 -2.32 -13.24 -12.12
N ASN A 2 -2.26 -11.98 -12.59
CA ASN A 2 -2.34 -10.72 -11.82
C ASN A 2 -3.30 -10.71 -10.64
N ASN A 3 -4.48 -11.33 -10.80
CA ASN A 3 -5.49 -11.42 -9.78
C ASN A 3 -5.44 -12.86 -9.30
N ASN A 4 -4.56 -13.17 -8.36
CA ASN A 4 -4.40 -14.52 -7.81
C ASN A 4 -3.95 -14.36 -6.37
N GLU A 5 -4.90 -14.44 -5.43
CA GLU A 5 -4.65 -14.33 -4.00
C GLU A 5 -3.97 -13.00 -3.64
N LEU A 6 -4.25 -11.95 -4.41
CA LEU A 6 -3.72 -10.60 -4.23
C LEU A 6 -4.01 -10.05 -2.83
N THR A 7 -5.05 -10.55 -2.17
CA THR A 7 -5.45 -10.14 -0.83
C THR A 7 -4.39 -10.58 0.21
N SER A 8 -3.56 -11.57 -0.11
CA SER A 8 -2.49 -12.06 0.76
C SER A 8 -1.13 -11.50 0.32
N LEU A 9 -0.99 -11.05 -0.94
CA LEU A 9 0.27 -10.49 -1.40
C LEU A 9 0.53 -9.18 -0.66
N PRO A 10 1.79 -8.85 -0.32
CA PRO A 10 2.10 -7.62 0.40
C PRO A 10 1.89 -6.37 -0.45
N LEU A 11 1.76 -6.54 -1.77
CA LEU A 11 1.55 -5.45 -2.72
C LEU A 11 0.32 -4.64 -2.31
N ALA A 12 -0.71 -5.30 -1.76
CA ALA A 12 -1.94 -4.63 -1.33
C ALA A 12 -1.63 -3.72 -0.14
N GLU A 13 -0.88 -4.22 0.84
CA GLU A 13 -0.47 -3.51 2.05
C GLU A 13 0.38 -2.32 1.63
N ARG A 14 1.37 -2.56 0.77
CA ARG A 14 2.27 -1.53 0.26
C ARG A 14 1.45 -0.39 -0.35
N LYS A 15 0.43 -0.70 -1.14
CA LYS A 15 -0.41 0.34 -1.71
C LYS A 15 -1.18 1.05 -0.59
N ARG A 16 -1.72 0.31 0.37
CA ARG A 16 -2.47 0.88 1.49
C ARG A 16 -1.59 1.89 2.24
N LEU A 17 -0.32 1.55 2.48
CA LEU A 17 0.64 2.40 3.16
C LEU A 17 0.91 3.68 2.36
N LEU A 18 0.87 3.61 1.02
CA LEU A 18 1.08 4.80 0.18
C LEU A 18 -0.08 5.76 0.41
N GLU A 19 -1.32 5.26 0.46
CA GLU A 19 -2.51 6.08 0.69
C GLU A 19 -2.48 6.62 2.12
N LEU A 20 -2.02 5.81 3.09
CA LEU A 20 -1.93 6.24 4.48
C LEU A 20 -0.95 7.41 4.57
N ALA A 21 0.20 7.29 3.89
CA ALA A 21 1.22 8.33 3.85
C ALA A 21 0.67 9.56 3.15
N LYS A 22 -0.09 9.39 2.06
CA LYS A 22 -0.68 10.50 1.32
C LYS A 22 -1.62 11.28 2.22
N ALA A 23 -2.46 10.59 3.00
CA ALA A 23 -3.43 11.20 3.91
C ALA A 23 -2.76 11.93 5.08
N ALA A 24 -1.59 11.46 5.52
CA ALA A 24 -0.84 12.07 6.61
C ALA A 24 -0.28 13.43 6.19
N LYS A 25 0.22 14.23 7.14
CA LYS A 25 0.81 15.54 6.86
C LYS A 25 1.91 15.96 7.84
N LEU A 26 2.02 15.29 8.99
CA LEU A 26 3.03 15.55 10.02
C LEU A 26 4.02 14.39 10.14
N SER A 27 3.75 13.28 9.47
CA SER A 27 4.55 12.07 9.43
C SER A 27 4.66 11.65 7.96
N ARG A 28 5.78 11.06 7.55
CA ARG A 28 6.02 10.63 6.18
C ARG A 28 6.84 9.34 6.22
N GLN A 29 6.92 8.64 5.09
CA GLN A 29 7.67 7.41 4.93
C GLN A 29 8.11 7.29 3.48
N HIS A 30 9.26 6.66 3.28
CA HIS A 30 9.83 6.40 1.97
C HIS A 30 9.07 5.22 1.36
N TYR A 31 9.20 5.04 0.05
CA TYR A 31 8.57 3.98 -0.71
C TYR A 31 9.39 3.80 -1.98
N MET A 1 -5.76 -22.71 -17.94
CA MET A 1 -5.77 -21.28 -17.62
C MET A 1 -5.96 -21.07 -16.13
N ASN A 2 -4.93 -20.56 -15.46
CA ASN A 2 -4.92 -20.26 -14.03
C ASN A 2 -5.14 -18.76 -13.94
N ASN A 3 -6.24 -18.30 -13.35
CA ASN A 3 -6.55 -16.88 -13.20
C ASN A 3 -5.62 -16.29 -12.12
N ASN A 4 -5.72 -14.99 -11.86
CA ASN A 4 -4.94 -14.28 -10.85
C ASN A 4 -5.77 -13.13 -10.29
N GLU A 5 -5.30 -12.53 -9.21
CA GLU A 5 -5.86 -11.41 -8.49
C GLU A 5 -4.69 -10.87 -7.65
N LEU A 6 -4.65 -9.56 -7.42
CA LEU A 6 -3.57 -8.96 -6.61
C LEU A 6 -3.84 -9.05 -5.11
N THR A 7 -5.11 -9.09 -4.72
CA THR A 7 -5.59 -9.17 -3.34
C THR A 7 -5.12 -10.43 -2.60
N SER A 8 -4.71 -11.47 -3.32
CA SER A 8 -4.23 -12.72 -2.71
C SER A 8 -2.77 -12.56 -2.25
N LEU A 9 -2.02 -11.59 -2.78
CA LEU A 9 -0.62 -11.33 -2.44
C LEU A 9 -0.53 -10.31 -1.31
N PRO A 10 0.55 -10.33 -0.51
CA PRO A 10 0.74 -9.38 0.59
C PRO A 10 0.95 -7.95 0.09
N LEU A 11 1.24 -7.81 -1.21
CA LEU A 11 1.47 -6.55 -1.90
C LEU A 11 0.24 -5.64 -1.84
N ALA A 12 -0.96 -6.23 -1.71
CA ALA A 12 -2.19 -5.47 -1.62
C ALA A 12 -2.21 -4.72 -0.28
N GLU A 13 -1.88 -5.41 0.82
CA GLU A 13 -1.86 -4.82 2.15
C GLU A 13 -0.70 -3.82 2.21
N ARG A 14 0.45 -4.17 1.62
CA ARG A 14 1.61 -3.28 1.59
C ARG A 14 1.18 -1.93 1.00
N LYS A 15 0.38 -1.89 -0.07
CA LYS A 15 -0.05 -0.61 -0.64
C LYS A 15 -1.11 0.05 0.26
N ARG A 16 -2.05 -0.73 0.82
CA ARG A 16 -3.11 -0.19 1.68
C ARG A 16 -2.50 0.49 2.90
N LEU A 17 -1.61 -0.18 3.64
CA LEU A 17 -0.97 0.40 4.82
C LEU A 17 -0.11 1.59 4.40
N LEU A 18 0.50 1.55 3.21
CA LEU A 18 1.34 2.65 2.72
C LEU A 18 0.47 3.89 2.53
N GLU A 19 -0.80 3.74 2.16
CA GLU A 19 -1.73 4.85 1.96
C GLU A 19 -1.91 5.56 3.31
N LEU A 20 -2.17 4.76 4.35
CA LEU A 20 -2.36 5.21 5.73
C LEU A 20 -1.07 5.92 6.19
N ALA A 21 0.08 5.34 5.86
CA ALA A 21 1.40 5.83 6.18
C ALA A 21 1.72 7.14 5.44
N LYS A 22 1.17 7.37 4.24
CA LYS A 22 1.40 8.62 3.49
C LYS A 22 0.71 9.76 4.21
N ALA A 23 -0.53 9.52 4.64
CA ALA A 23 -1.31 10.51 5.36
C ALA A 23 -0.64 10.84 6.70
N ALA A 24 -0.08 9.83 7.38
CA ALA A 24 0.60 9.98 8.66
C ALA A 24 1.87 10.83 8.55
N LYS A 25 2.39 11.30 9.69
CA LYS A 25 3.59 12.13 9.82
C LYS A 25 3.52 13.43 9.00
N LEU A 26 2.31 13.88 8.66
CA LEU A 26 2.04 15.08 7.87
C LEU A 26 2.72 16.37 8.35
N SER A 27 3.04 16.50 9.64
CA SER A 27 3.66 17.71 10.16
C SER A 27 5.03 17.99 9.52
N ARG A 28 5.71 16.97 8.99
CA ARG A 28 6.99 17.06 8.33
C ARG A 28 6.72 17.12 6.83
N GLN A 29 7.38 18.02 6.11
CA GLN A 29 7.21 18.15 4.68
C GLN A 29 8.06 17.08 4.01
N HIS A 30 7.49 15.89 3.85
CA HIS A 30 8.13 14.75 3.22
C HIS A 30 7.80 14.78 1.71
N TYR A 31 8.56 14.03 0.91
CA TYR A 31 8.42 13.89 -0.52
C TYR A 31 9.09 12.57 -0.85
N MET A 1 -13.59 -12.43 -14.52
CA MET A 1 -12.51 -13.42 -14.67
C MET A 1 -11.21 -12.84 -14.13
N ASN A 2 -10.63 -13.47 -13.13
CA ASN A 2 -9.37 -13.10 -12.49
C ASN A 2 -8.45 -14.30 -12.68
N ASN A 3 -7.73 -14.31 -13.80
CA ASN A 3 -6.80 -15.37 -14.12
C ASN A 3 -5.53 -15.31 -13.27
N ASN A 4 -5.30 -14.20 -12.56
CA ASN A 4 -4.16 -13.95 -11.68
C ASN A 4 -4.65 -13.85 -10.24
N GLU A 5 -3.90 -14.44 -9.30
CA GLU A 5 -4.22 -14.48 -7.88
C GLU A 5 -3.67 -13.25 -7.14
N LEU A 6 -4.09 -12.06 -7.54
CA LEU A 6 -3.63 -10.80 -6.96
C LEU A 6 -3.70 -10.74 -5.44
N THR A 7 -4.72 -11.32 -4.81
CA THR A 7 -4.89 -11.30 -3.37
C THR A 7 -3.88 -12.22 -2.68
N SER A 8 -3.53 -13.35 -3.31
CA SER A 8 -2.59 -14.30 -2.76
C SER A 8 -1.16 -13.76 -2.91
N LEU A 9 -0.92 -12.84 -3.83
CA LEU A 9 0.41 -12.27 -4.04
C LEU A 9 0.69 -11.25 -2.92
N PRO A 10 1.96 -11.06 -2.54
CA PRO A 10 2.34 -10.14 -1.46
C PRO A 10 2.13 -8.67 -1.84
N LEU A 11 2.08 -8.37 -3.14
CA LEU A 11 1.89 -7.01 -3.62
C LEU A 11 0.58 -6.41 -3.09
N ALA A 12 -0.44 -7.23 -2.80
CA ALA A 12 -1.71 -6.75 -2.27
C ALA A 12 -1.49 -6.04 -0.93
N GLU A 13 -0.61 -6.56 -0.07
CA GLU A 13 -0.34 -5.94 1.23
C GLU A 13 0.48 -4.67 0.99
N ARG A 14 1.56 -4.77 0.21
CA ARG A 14 2.44 -3.64 -0.11
C ARG A 14 1.65 -2.46 -0.69
N LYS A 15 0.73 -2.73 -1.60
CA LYS A 15 -0.09 -1.71 -2.24
C LYS A 15 -1.05 -1.09 -1.22
N ARG A 16 -1.73 -1.91 -0.42
CA ARG A 16 -2.67 -1.41 0.58
C ARG A 16 -1.95 -0.50 1.56
N LEU A 17 -0.83 -0.96 2.12
CA LEU A 17 -0.05 -0.18 3.06
C LEU A 17 0.44 1.11 2.41
N LEU A 18 0.77 1.10 1.12
CA LEU A 18 1.24 2.28 0.40
C LEU A 18 0.13 3.33 0.28
N GLU A 19 -1.13 2.92 0.09
CA GLU A 19 -2.25 3.85 -0.01
C GLU A 19 -2.49 4.45 1.38
N LEU A 20 -2.55 3.58 2.39
CA LEU A 20 -2.76 3.92 3.80
C LEU A 20 -1.67 4.86 4.31
N ALA A 21 -0.43 4.66 3.86
CA ALA A 21 0.72 5.47 4.22
C ALA A 21 0.59 6.86 3.59
N LYS A 22 0.26 6.94 2.29
CA LYS A 22 0.12 8.22 1.60
C LYS A 22 -1.01 9.05 2.21
N ALA A 23 -2.04 8.40 2.76
CA ALA A 23 -3.17 9.08 3.38
C ALA A 23 -2.74 9.95 4.57
N ALA A 24 -1.63 9.63 5.24
CA ALA A 24 -1.10 10.35 6.38
C ALA A 24 -0.43 11.67 5.99
N LYS A 25 -0.27 12.57 6.96
CA LYS A 25 0.35 13.90 6.82
C LYS A 25 1.07 14.28 8.12
N LEU A 26 1.79 13.32 8.67
CA LEU A 26 2.54 13.43 9.91
C LEU A 26 3.96 13.95 9.67
N SER A 27 4.67 13.40 8.66
CA SER A 27 6.04 13.80 8.34
C SER A 27 6.07 15.20 7.71
N ARG A 28 6.40 16.24 8.49
CA ARG A 28 6.46 17.59 7.94
C ARG A 28 7.61 17.72 6.96
N GLN A 29 8.79 17.28 7.38
CA GLN A 29 10.04 17.29 6.65
C GLN A 29 10.74 15.95 6.96
N HIS A 30 11.96 15.79 6.47
CA HIS A 30 12.78 14.61 6.69
C HIS A 30 13.60 14.85 7.95
N TYR A 31 14.14 13.79 8.55
CA TYR A 31 14.94 13.86 9.76
C TYR A 31 16.21 13.06 9.55
N MET A 1 -4.47 -21.82 -16.85
CA MET A 1 -4.75 -20.40 -16.68
C MET A 1 -3.74 -19.83 -15.67
N ASN A 2 -4.09 -18.75 -14.97
CA ASN A 2 -3.26 -18.08 -13.97
C ASN A 2 -4.17 -17.74 -12.79
N ASN A 3 -3.69 -16.93 -11.86
CA ASN A 3 -4.39 -16.50 -10.66
C ASN A 3 -4.46 -14.97 -10.62
N ASN A 4 -5.51 -14.39 -11.22
CA ASN A 4 -5.73 -12.93 -11.24
C ASN A 4 -6.44 -12.59 -9.92
N GLU A 5 -5.78 -12.90 -8.80
CA GLU A 5 -6.26 -12.71 -7.45
C GLU A 5 -5.44 -11.64 -6.74
N LEU A 6 -5.44 -10.43 -7.28
CA LEU A 6 -4.69 -9.29 -6.73
C LEU A 6 -5.00 -9.04 -5.24
N THR A 7 -6.22 -9.37 -4.81
CA THR A 7 -6.69 -9.23 -3.44
C THR A 7 -5.89 -10.14 -2.50
N SER A 8 -5.44 -11.29 -2.99
CA SER A 8 -4.66 -12.26 -2.23
C SER A 8 -3.16 -11.94 -2.33
N LEU A 9 -2.74 -11.04 -3.22
CA LEU A 9 -1.33 -10.68 -3.36
C LEU A 9 -0.97 -9.72 -2.24
N PRO A 10 0.27 -9.75 -1.75
CA PRO A 10 0.69 -8.87 -0.68
C PRO A 10 0.81 -7.41 -1.10
N LEU A 11 0.96 -7.15 -2.40
CA LEU A 11 1.08 -5.79 -2.92
C LEU A 11 -0.15 -4.96 -2.57
N ALA A 12 -1.33 -5.61 -2.48
CA ALA A 12 -2.57 -4.91 -2.16
C ALA A 12 -2.50 -4.31 -0.76
N GLU A 13 -1.97 -5.05 0.22
CA GLU A 13 -1.87 -4.54 1.58
C GLU A 13 -0.74 -3.51 1.63
N ARG A 14 0.36 -3.74 0.91
CA ARG A 14 1.49 -2.80 0.87
C ARG A 14 0.97 -1.43 0.41
N LYS A 15 0.15 -1.41 -0.63
CA LYS A 15 -0.42 -0.18 -1.17
C LYS A 15 -1.23 0.53 -0.08
N ARG A 16 -2.10 -0.19 0.64
CA ARG A 16 -2.90 0.38 1.73
C ARG A 16 -1.98 0.94 2.82
N LEU A 17 -0.91 0.22 3.19
CA LEU A 17 0.04 0.66 4.21
C LEU A 17 0.73 1.96 3.78
N LEU A 18 1.07 2.09 2.49
CA LEU A 18 1.71 3.29 1.97
C LEU A 18 0.73 4.47 2.03
N GLU A 19 -0.58 4.24 1.88
CA GLU A 19 -1.60 5.29 1.97
C GLU A 19 -1.74 5.69 3.43
N LEU A 20 -1.66 4.72 4.36
CA LEU A 20 -1.74 4.96 5.79
C LEU A 20 -0.59 5.91 6.13
N ALA A 21 0.62 5.61 5.67
CA ALA A 21 1.78 6.46 5.90
C ALA A 21 1.54 7.87 5.36
N LYS A 22 0.85 7.99 4.21
CA LYS A 22 0.56 9.29 3.63
C LYS A 22 -0.47 10.03 4.50
N ALA A 23 -1.41 9.33 5.12
CA ALA A 23 -2.40 9.98 5.98
C ALA A 23 -1.73 10.43 7.28
N ALA A 24 -0.99 9.52 7.92
CA ALA A 24 -0.29 9.74 9.17
C ALA A 24 0.84 10.77 9.08
N LYS A 25 1.60 10.76 7.98
CA LYS A 25 2.75 11.62 7.66
C LYS A 25 3.87 11.59 8.70
N LEU A 26 3.77 10.74 9.73
CA LEU A 26 4.77 10.63 10.78
C LEU A 26 6.12 10.30 10.17
N SER A 27 6.16 9.34 9.24
CA SER A 27 7.36 8.90 8.55
C SER A 27 7.58 9.61 7.21
N ARG A 28 6.86 10.70 6.90
CA ARG A 28 6.98 11.46 5.65
C ARG A 28 6.97 12.94 6.02
N GLN A 29 8.11 13.46 6.48
CA GLN A 29 8.29 14.85 6.89
C GLN A 29 8.47 15.72 5.63
N HIS A 30 7.43 15.80 4.80
CA HIS A 30 7.46 16.56 3.56
C HIS A 30 7.54 18.07 3.81
N TYR A 31 8.47 18.73 3.11
CA TYR A 31 8.70 20.16 3.21
C TYR A 31 7.53 20.92 2.62
N MET A 1 -16.35 -8.33 -7.60
CA MET A 1 -15.29 -9.28 -7.95
C MET A 1 -13.95 -8.81 -7.39
N ASN A 2 -13.42 -9.51 -6.38
CA ASN A 2 -12.14 -9.28 -5.73
C ASN A 2 -11.27 -10.48 -6.09
N ASN A 3 -9.95 -10.33 -6.25
CA ASN A 3 -9.07 -11.45 -6.60
C ASN A 3 -8.10 -11.78 -5.46
N ASN A 4 -7.66 -13.03 -5.44
CA ASN A 4 -6.74 -13.61 -4.47
C ASN A 4 -5.42 -13.88 -5.17
N GLU A 5 -4.83 -12.83 -5.76
CA GLU A 5 -3.58 -12.95 -6.49
C GLU A 5 -2.59 -11.86 -6.13
N LEU A 6 -3.05 -10.61 -6.02
CA LEU A 6 -2.18 -9.48 -5.69
C LEU A 6 -1.41 -9.73 -4.42
N THR A 7 -2.06 -10.21 -3.36
CA THR A 7 -1.42 -10.48 -2.08
C THR A 7 -0.18 -11.38 -2.21
N SER A 8 -0.21 -12.36 -3.12
CA SER A 8 0.88 -13.29 -3.36
C SER A 8 2.04 -12.66 -4.17
N LEU A 9 1.82 -11.49 -4.80
CA LEU A 9 2.82 -10.78 -5.59
C LEU A 9 3.46 -9.65 -4.78
N PRO A 10 4.67 -9.21 -5.14
CA PRO A 10 5.34 -8.11 -4.43
C PRO A 10 4.62 -6.78 -4.69
N LEU A 11 3.76 -6.76 -5.71
CA LEU A 11 2.94 -5.61 -6.09
C LEU A 11 2.07 -5.20 -4.91
N ALA A 12 1.70 -6.13 -4.02
CA ALA A 12 0.86 -5.81 -2.88
C ALA A 12 1.53 -4.79 -1.96
N GLU A 13 2.81 -5.02 -1.66
CA GLU A 13 3.61 -4.14 -0.79
C GLU A 13 3.87 -2.83 -1.52
N ARG A 14 4.24 -2.93 -2.80
CA ARG A 14 4.53 -1.77 -3.63
C ARG A 14 3.31 -0.86 -3.68
N LYS A 15 2.09 -1.41 -3.78
CA LYS A 15 0.89 -0.60 -3.79
C LYS A 15 0.74 0.04 -2.41
N ARG A 16 0.87 -0.76 -1.33
CA ARG A 16 0.72 -0.28 0.04
C ARG A 16 1.64 0.89 0.37
N LEU A 17 2.94 0.75 0.12
CA LEU A 17 3.92 1.79 0.42
C LEU A 17 3.64 3.06 -0.37
N LEU A 18 3.34 2.92 -1.68
CA LEU A 18 3.05 4.04 -2.57
C LEU A 18 1.83 4.79 -2.06
N GLU A 19 0.75 4.08 -1.75
CA GLU A 19 -0.47 4.69 -1.25
C GLU A 19 -0.21 5.48 0.02
N LEU A 20 0.48 4.89 1.00
CA LEU A 20 0.75 5.58 2.26
C LEU A 20 1.68 6.77 2.09
N ALA A 21 2.69 6.67 1.23
CA ALA A 21 3.62 7.75 0.99
C ALA A 21 2.91 8.97 0.40
N LYS A 22 1.98 8.74 -0.54
CA LYS A 22 1.23 9.81 -1.19
C LYS A 22 0.10 10.33 -0.31
N ALA A 23 -0.75 9.43 0.20
CA ALA A 23 -1.89 9.76 1.04
C ALA A 23 -1.50 10.40 2.37
N ALA A 24 -0.46 9.89 3.02
CA ALA A 24 0.08 10.32 4.31
C ALA A 24 -0.89 10.22 5.51
N LYS A 25 -2.11 9.72 5.29
CA LYS A 25 -3.18 9.55 6.26
C LYS A 25 -2.76 8.89 7.58
N LEU A 26 -2.53 7.58 7.56
CA LEU A 26 -2.16 6.80 8.74
C LEU A 26 -0.79 7.16 9.32
N SER A 27 0.24 7.29 8.48
CA SER A 27 1.61 7.60 8.87
C SER A 27 1.73 9.04 9.39
N ARG A 28 2.96 9.49 9.69
CA ARG A 28 3.24 10.82 10.20
C ARG A 28 4.51 11.35 9.56
N GLN A 29 4.75 12.64 9.68
CA GLN A 29 5.89 13.34 9.12
C GLN A 29 6.61 13.98 10.30
N HIS A 30 7.48 13.18 10.91
CA HIS A 30 8.28 13.56 12.07
C HIS A 30 9.11 14.81 11.79
N TYR A 31 9.02 15.80 12.68
CA TYR A 31 9.78 17.02 12.57
C TYR A 31 11.27 16.69 12.68
N MET A 1 -13.17 -20.28 -9.01
CA MET A 1 -11.84 -20.00 -8.46
C MET A 1 -11.51 -18.55 -8.77
N ASN A 2 -11.57 -17.67 -7.78
CA ASN A 2 -11.26 -16.25 -7.94
C ASN A 2 -9.75 -16.16 -8.06
N ASN A 3 -9.26 -15.89 -9.27
CA ASN A 3 -7.84 -15.77 -9.60
C ASN A 3 -7.13 -14.92 -8.55
N ASN A 4 -6.26 -15.56 -7.77
CA ASN A 4 -5.48 -14.96 -6.69
C ASN A 4 -4.19 -14.28 -7.15
N GLU A 5 -3.98 -14.14 -8.46
CA GLU A 5 -2.80 -13.50 -9.06
C GLU A 5 -2.52 -12.15 -8.40
N LEU A 6 -3.57 -11.35 -8.19
CA LEU A 6 -3.49 -10.02 -7.58
C LEU A 6 -3.00 -10.09 -6.13
N THR A 7 -3.20 -11.20 -5.44
CA THR A 7 -2.76 -11.40 -4.08
C THR A 7 -1.26 -11.75 -4.08
N SER A 8 -0.73 -12.26 -5.20
CA SER A 8 0.66 -12.64 -5.38
C SER A 8 1.48 -11.51 -6.03
N LEU A 9 0.86 -10.56 -6.74
CA LEU A 9 1.56 -9.48 -7.40
C LEU A 9 1.97 -8.39 -6.40
N PRO A 10 3.05 -7.62 -6.67
CA PRO A 10 3.52 -6.56 -5.78
C PRO A 10 2.64 -5.31 -5.82
N LEU A 11 1.77 -5.21 -6.83
CA LEU A 11 0.86 -4.09 -6.99
C LEU A 11 -0.05 -3.92 -5.78
N ALA A 12 -0.35 -5.01 -5.05
CA ALA A 12 -1.19 -4.96 -3.86
C ALA A 12 -0.46 -4.25 -2.73
N GLU A 13 0.82 -4.57 -2.52
CA GLU A 13 1.63 -3.94 -1.48
C GLU A 13 1.76 -2.48 -1.87
N ARG A 14 1.99 -2.19 -3.16
CA ARG A 14 2.11 -0.82 -3.65
C ARG A 14 0.80 -0.06 -3.44
N LYS A 15 -0.35 -0.73 -3.58
CA LYS A 15 -1.65 -0.12 -3.39
C LYS A 15 -1.79 0.26 -1.92
N ARG A 16 -1.50 -0.67 -1.01
CA ARG A 16 -1.61 -0.43 0.42
C ARG A 16 -0.61 0.61 0.88
N LEU A 17 0.64 0.51 0.47
CA LEU A 17 1.68 1.46 0.82
C LEU A 17 1.33 2.85 0.31
N LEU A 18 0.53 3.01 -0.75
CA LEU A 18 0.17 4.35 -1.22
C LEU A 18 -0.65 5.02 -0.11
N GLU A 19 -1.55 4.28 0.55
CA GLU A 19 -2.38 4.77 1.62
C GLU A 19 -1.50 5.35 2.73
N LEU A 20 -0.48 4.58 3.15
CA LEU A 20 0.47 4.98 4.20
C LEU A 20 1.32 6.16 3.72
N ALA A 21 1.80 6.12 2.48
CA ALA A 21 2.61 7.19 1.93
C ALA A 21 1.83 8.50 1.88
N LYS A 22 0.51 8.44 1.67
CA LYS A 22 -0.33 9.63 1.62
C LYS A 22 -0.61 10.08 3.05
N ALA A 23 -0.78 9.14 3.98
CA ALA A 23 -1.04 9.44 5.39
C ALA A 23 0.15 10.15 6.02
N ALA A 24 1.35 9.62 5.82
CA ALA A 24 2.61 10.14 6.34
C ALA A 24 3.29 11.15 5.42
N LYS A 25 2.61 11.61 4.36
CA LYS A 25 3.16 12.57 3.39
C LYS A 25 3.74 13.80 4.09
N LEU A 26 2.95 14.43 4.97
CA LEU A 26 3.38 15.61 5.72
C LEU A 26 3.91 15.18 7.09
N SER A 27 3.18 14.33 7.79
CA SER A 27 3.53 13.84 9.13
C SER A 27 4.30 12.53 9.09
N ARG A 28 5.64 12.58 9.05
CA ARG A 28 6.48 11.38 9.03
C ARG A 28 6.79 11.04 10.49
N GLN A 29 7.81 11.65 11.07
CA GLN A 29 8.21 11.40 12.44
C GLN A 29 7.18 12.01 13.38
N HIS A 30 6.36 11.18 14.01
CA HIS A 30 5.35 11.66 14.94
C HIS A 30 5.99 11.84 16.32
N TYR A 31 5.33 12.58 17.22
CA TYR A 31 5.83 12.86 18.58
C TYR A 31 4.83 12.48 19.65
N MET A 1 -10.78 -21.32 -13.14
CA MET A 1 -11.09 -20.06 -12.45
C MET A 1 -10.14 -19.96 -11.26
N ASN A 2 -9.56 -18.78 -11.04
CA ASN A 2 -8.60 -18.56 -9.96
C ASN A 2 -8.89 -17.24 -9.24
N ASN A 3 -8.29 -17.06 -8.07
CA ASN A 3 -8.40 -15.90 -7.22
C ASN A 3 -7.00 -15.49 -6.82
N ASN A 4 -6.53 -14.37 -7.35
CA ASN A 4 -5.19 -13.87 -7.04
C ASN A 4 -5.16 -13.30 -5.63
N GLU A 5 -3.98 -13.07 -5.08
CA GLU A 5 -3.79 -12.54 -3.73
C GLU A 5 -3.10 -11.17 -3.80
N LEU A 6 -3.92 -10.13 -4.00
CA LEU A 6 -3.44 -8.74 -4.09
C LEU A 6 -2.77 -8.29 -2.80
N THR A 7 -3.19 -8.82 -1.65
CA THR A 7 -2.66 -8.50 -0.33
C THR A 7 -1.20 -8.95 -0.15
N SER A 8 -0.78 -10.00 -0.87
CA SER A 8 0.59 -10.51 -0.77
C SER A 8 1.44 -10.06 -1.94
N LEU A 9 0.86 -9.68 -3.07
CA LEU A 9 1.62 -9.19 -4.22
C LEU A 9 2.33 -7.92 -3.79
N PRO A 10 3.42 -7.50 -4.47
CA PRO A 10 4.13 -6.28 -4.09
C PRO A 10 3.26 -5.04 -4.22
N LEU A 11 2.22 -5.14 -5.06
CA LEU A 11 1.25 -4.10 -5.34
C LEU A 11 0.67 -3.56 -4.04
N ALA A 12 0.39 -4.42 -3.06
CA ALA A 12 -0.18 -4.00 -1.79
C ALA A 12 0.76 -3.06 -1.04
N GLU A 13 2.04 -3.42 -0.96
CA GLU A 13 3.05 -2.65 -0.26
C GLU A 13 3.22 -1.31 -0.97
N ARG A 14 3.51 -1.37 -2.27
CA ARG A 14 3.72 -0.21 -3.12
C ARG A 14 2.55 0.75 -3.04
N LYS A 15 1.33 0.26 -3.16
CA LYS A 15 0.14 1.11 -3.12
C LYS A 15 -0.14 1.63 -1.73
N ARG A 16 0.17 0.91 -0.65
CA ARG A 16 -0.07 1.38 0.71
C ARG A 16 0.80 2.60 0.99
N LEU A 17 2.11 2.49 0.70
CA LEU A 17 3.05 3.58 0.92
C LEU A 17 2.82 4.74 -0.07
N LEU A 18 2.46 4.44 -1.31
CA LEU A 18 2.20 5.45 -2.34
C LEU A 18 1.03 6.33 -1.93
N GLU A 19 -0.03 5.75 -1.37
CA GLU A 19 -1.19 6.48 -0.93
C GLU A 19 -0.81 7.53 0.12
N LEU A 20 0.07 7.19 1.05
CA LEU A 20 0.53 8.11 2.08
C LEU A 20 1.29 9.25 1.41
N ALA A 21 2.20 8.93 0.50
CA ALA A 21 2.99 9.93 -0.23
C ALA A 21 2.08 10.90 -0.98
N LYS A 22 1.11 10.40 -1.73
CA LYS A 22 0.20 11.23 -2.51
C LYS A 22 -0.69 12.06 -1.57
N ALA A 23 -1.27 11.43 -0.53
CA ALA A 23 -2.13 12.09 0.42
C ALA A 23 -1.38 13.25 1.08
N ALA A 24 -0.10 13.03 1.43
CA ALA A 24 0.84 13.96 2.04
C ALA A 24 0.32 14.67 3.31
N LYS A 25 -0.77 14.20 3.92
CA LYS A 25 -1.37 14.80 5.12
C LYS A 25 -0.52 14.62 6.37
N LEU A 26 -0.46 13.40 6.91
CA LEU A 26 0.26 13.07 8.13
C LEU A 26 1.77 13.21 8.03
N SER A 27 2.34 13.00 6.83
CA SER A 27 3.78 13.11 6.59
C SER A 27 4.61 12.21 7.54
N ARG A 28 4.05 11.06 7.94
CA ARG A 28 4.68 10.10 8.87
C ARG A 28 5.75 9.26 8.17
N GLN A 29 6.78 8.89 8.93
CA GLN A 29 7.92 8.09 8.51
C GLN A 29 8.01 6.88 9.45
N HIS A 30 8.82 5.86 9.11
CA HIS A 30 9.00 4.67 9.95
C HIS A 30 9.63 5.08 11.29
N TYR A 31 9.42 4.31 12.35
CA TYR A 31 9.99 4.58 13.67
C TYR A 31 10.56 3.28 14.19
N MET A 1 -16.81 -18.94 -4.99
CA MET A 1 -16.41 -17.53 -5.17
C MET A 1 -14.92 -17.46 -5.44
N ASN A 2 -14.53 -16.81 -6.53
CA ASN A 2 -13.14 -16.65 -6.91
C ASN A 2 -12.49 -15.59 -6.02
N ASN A 3 -11.18 -15.66 -5.86
CA ASN A 3 -10.35 -14.74 -5.08
C ASN A 3 -9.02 -14.75 -5.82
N ASN A 4 -8.66 -13.64 -6.48
CA ASN A 4 -7.40 -13.57 -7.23
C ASN A 4 -6.20 -13.43 -6.27
N GLU A 5 -4.99 -13.66 -6.76
CA GLU A 5 -3.75 -13.55 -6.02
C GLU A 5 -3.07 -12.28 -6.49
N LEU A 6 -3.16 -11.23 -5.65
CA LEU A 6 -2.61 -9.91 -5.90
C LEU A 6 -1.37 -9.66 -5.04
N THR A 7 -1.38 -10.09 -3.78
CA THR A 7 -0.25 -9.87 -2.88
C THR A 7 0.99 -10.68 -3.29
N SER A 8 0.80 -11.83 -3.94
CA SER A 8 1.91 -12.66 -4.39
C SER A 8 2.58 -12.05 -5.63
N LEU A 9 2.00 -11.00 -6.24
CA LEU A 9 2.53 -10.34 -7.41
C LEU A 9 3.28 -9.05 -7.01
N PRO A 10 4.15 -8.52 -7.87
CA PRO A 10 4.89 -7.30 -7.57
C PRO A 10 4.01 -6.04 -7.66
N LEU A 11 2.86 -6.12 -8.35
CA LEU A 11 1.95 -4.99 -8.50
C LEU A 11 1.47 -4.49 -7.14
N ALA A 12 1.39 -5.35 -6.13
CA ALA A 12 0.97 -4.94 -4.80
C ALA A 12 2.01 -3.99 -4.20
N GLU A 13 3.30 -4.27 -4.41
CA GLU A 13 4.38 -3.43 -3.90
C GLU A 13 4.32 -2.08 -4.61
N ARG A 14 4.11 -2.11 -5.93
CA ARG A 14 4.01 -0.90 -6.76
C ARG A 14 2.87 -0.03 -6.26
N LYS A 15 1.71 -0.63 -6.00
CA LYS A 15 0.53 0.08 -5.51
C LYS A 15 0.84 0.68 -4.13
N ARG A 16 1.38 -0.12 -3.21
CA ARG A 16 1.69 0.28 -1.84
C ARG A 16 2.75 1.37 -1.74
N LEU A 17 3.88 1.27 -2.45
CA LEU A 17 4.92 2.29 -2.37
C LEU A 17 4.37 3.65 -2.78
N LEU A 18 3.46 3.67 -3.76
CA LEU A 18 2.83 4.89 -4.25
C LEU A 18 1.83 5.33 -3.18
N GLU A 19 1.07 4.40 -2.57
CA GLU A 19 0.09 4.68 -1.54
C GLU A 19 0.73 5.42 -0.36
N LEU A 20 1.98 5.09 -0.02
CA LEU A 20 2.73 5.72 1.08
C LEU A 20 2.78 7.23 0.80
N ALA A 21 3.13 7.60 -0.43
CA ALA A 21 3.21 8.98 -0.90
C ALA A 21 1.82 9.59 -1.06
N LYS A 22 0.76 8.79 -1.31
CA LYS A 22 -0.59 9.27 -1.44
C LYS A 22 -1.00 9.80 -0.06
N ALA A 23 -0.82 8.98 0.98
CA ALA A 23 -1.15 9.37 2.33
C ALA A 23 -0.23 10.52 2.78
N ALA A 24 1.02 10.57 2.28
CA ALA A 24 2.06 11.57 2.54
C ALA A 24 2.42 11.79 4.02
N LYS A 25 1.86 11.00 4.93
CA LYS A 25 2.06 11.06 6.38
C LYS A 25 3.38 10.44 6.78
N LEU A 26 4.47 10.97 6.21
CA LEU A 26 5.84 10.55 6.46
C LEU A 26 6.16 11.00 7.89
N SER A 27 5.80 12.25 8.19
CA SER A 27 5.94 12.92 9.47
C SER A 27 4.58 12.82 10.17
N ARG A 28 4.57 13.00 11.49
CA ARG A 28 3.37 12.92 12.31
C ARG A 28 3.60 13.64 13.63
N GLN A 29 2.71 14.56 13.99
CA GLN A 29 2.77 15.33 15.22
C GLN A 29 2.32 14.44 16.41
N HIS A 30 2.09 15.05 17.57
CA HIS A 30 1.61 14.34 18.75
C HIS A 30 0.20 13.83 18.45
N TYR A 31 -0.29 12.86 19.25
CA TYR A 31 -1.58 12.26 19.05
C TYR A 31 -2.28 11.94 20.38
#